data_1DAD
#
_entry.id   1DAD
#
_cell.length_a   73.200
_cell.length_b   49.200
_cell.length_c   61.800
_cell.angle_alpha   90.00
_cell.angle_beta   107.10
_cell.angle_gamma   90.00
#
_symmetry.space_group_name_H-M   'C 1 2 1'
#
loop_
_entity.id
_entity.type
_entity.pdbx_description
1 polymer 'DETHIOBIOTIN SYNTHETASE'
2 non-polymer "ADENOSINE-5'-DIPHOSPHATE"
3 water water
#
_entity_poly.entity_id   1
_entity_poly.type   'polypeptide(L)'
_entity_poly.pdbx_seq_one_letter_code
;SKRYFVTGTDTEVGKTVASCALLQAAKAAGYRTAGYKPVASGSEKTPEGLRNSDALALQRNSSLQLDYATVNPYTFAEPT
SPHIISAQEGRPIESLVMSAGLRALEQQADWVLVEGAGGWFTPLSDTFTFADWVTQEQLPVILVVGVKLGCINHAMLTAQ
VIQHAGLTLAGWVANDVTPPGKRHAEYMTTLTRMIPAPLLGEIPWLAENPENAATGKYINLALL
;
_entity_poly.pdbx_strand_id   A
#
# COMPACT_ATOMS: atom_id res chain seq x y z
N SER A 1 10.91 -14.92 3.80
CA SER A 1 10.42 -13.94 2.85
C SER A 1 10.37 -12.61 3.58
N LYS A 2 10.83 -11.50 2.99
CA LYS A 2 10.61 -10.18 3.59
C LYS A 2 9.20 -9.81 3.17
N ARG A 3 8.44 -9.17 4.05
CA ARG A 3 7.07 -8.82 3.77
C ARG A 3 6.84 -7.44 4.39
N TYR A 4 6.14 -6.56 3.70
CA TYR A 4 5.84 -5.22 4.22
C TYR A 4 4.41 -4.87 3.85
N PHE A 5 3.71 -4.19 4.75
CA PHE A 5 2.38 -3.70 4.49
C PHE A 5 2.50 -2.22 4.17
N VAL A 6 1.83 -1.72 3.16
CA VAL A 6 1.85 -0.32 2.80
C VAL A 6 0.48 0.29 3.09
N THR A 7 0.52 1.34 3.92
CA THR A 7 -0.68 2.10 4.20
C THR A 7 -0.45 3.59 3.84
N GLY A 8 -1.49 4.42 3.86
CA GLY A 8 -1.42 5.81 3.46
C GLY A 8 -2.06 6.70 4.52
N THR A 9 -1.75 8.02 4.52
CA THR A 9 -2.30 8.93 5.51
C THR A 9 -3.74 9.30 5.19
N ASP A 10 -4.13 9.15 3.94
CA ASP A 10 -5.47 9.49 3.47
C ASP A 10 -5.71 8.75 2.14
N THR A 11 -6.97 8.60 1.69
CA THR A 11 -7.27 8.05 0.37
C THR A 11 -6.60 8.97 -0.66
N GLU A 12 -6.17 8.40 -1.79
CA GLU A 12 -5.57 9.19 -2.85
C GLU A 12 -4.30 9.97 -2.47
N VAL A 13 -3.41 9.40 -1.65
CA VAL A 13 -2.11 10.05 -1.35
C VAL A 13 -1.01 9.50 -2.26
N GLY A 14 -1.35 8.54 -3.13
CA GLY A 14 -0.38 7.90 -4.01
C GLY A 14 0.18 6.63 -3.40
N LYS A 15 -0.58 5.91 -2.58
CA LYS A 15 -0.13 4.65 -2.03
C LYS A 15 0.22 3.63 -3.14
N THR A 16 -0.49 3.58 -4.27
CA THR A 16 -0.10 2.66 -5.33
C THR A 16 1.16 3.13 -6.06
N VAL A 17 1.34 4.45 -6.26
CA VAL A 17 2.52 4.98 -6.93
C VAL A 17 3.79 4.66 -6.13
N ALA A 18 3.71 4.86 -4.82
CA ALA A 18 4.80 4.52 -3.94
C ALA A 18 4.99 2.98 -3.91
N SER A 19 3.94 2.13 -3.93
CA SER A 19 4.10 0.67 -3.96
C SER A 19 4.83 0.21 -5.21
N CYS A 20 4.54 0.80 -6.40
CA CYS A 20 5.25 0.50 -7.66
C CYS A 20 6.70 0.96 -7.56
N ALA A 21 7.02 2.12 -6.96
CA ALA A 21 8.40 2.54 -6.77
C ALA A 21 9.12 1.54 -5.86
N LEU A 22 8.52 1.07 -4.76
CA LEU A 22 9.12 0.12 -3.87
C LEU A 22 9.38 -1.22 -4.56
N LEU A 23 8.45 -1.70 -5.36
CA LEU A 23 8.61 -2.94 -6.10
C LEU A 23 9.72 -2.82 -7.12
N GLN A 24 9.82 -1.69 -7.81
CA GLN A 24 10.89 -1.43 -8.77
C GLN A 24 12.26 -1.45 -8.11
N ALA A 25 12.41 -0.80 -6.95
CA ALA A 25 13.67 -0.75 -6.20
C ALA A 25 14.05 -2.17 -5.75
N ALA A 26 13.08 -2.99 -5.32
CA ALA A 26 13.34 -4.33 -4.83
C ALA A 26 13.81 -5.23 -5.98
N LYS A 27 13.19 -5.09 -7.14
CA LYS A 27 13.55 -5.80 -8.36
C LYS A 27 14.98 -5.42 -8.69
N ALA A 28 15.31 -4.14 -8.59
CA ALA A 28 16.65 -3.67 -8.89
C ALA A 28 17.67 -4.22 -7.89
N ALA A 29 17.30 -4.55 -6.66
CA ALA A 29 18.21 -5.13 -5.70
C ALA A 29 18.38 -6.64 -5.90
N GLY A 30 17.60 -7.27 -6.77
CA GLY A 30 17.76 -8.68 -7.10
C GLY A 30 16.70 -9.56 -6.47
N TYR A 31 15.71 -8.98 -5.77
CA TYR A 31 14.65 -9.81 -5.21
C TYR A 31 13.66 -10.31 -6.25
N ARG A 32 13.08 -11.47 -6.02
CA ARG A 32 11.96 -11.98 -6.81
C ARG A 32 10.73 -11.41 -6.10
N THR A 33 10.00 -10.51 -6.75
CA THR A 33 9.00 -9.69 -6.07
C THR A 33 7.59 -10.04 -6.39
N ALA A 34 6.68 -9.74 -5.47
CA ALA A 34 5.27 -9.97 -5.68
C ALA A 34 4.56 -8.87 -4.91
N GLY A 35 3.65 -8.22 -5.62
CA GLY A 35 2.69 -7.28 -5.00
C GLY A 35 1.39 -8.04 -4.68
N TYR A 36 0.74 -7.69 -3.56
CA TYR A 36 -0.43 -8.37 -3.12
C TYR A 36 -1.43 -7.31 -2.69
N LYS A 37 -2.60 -7.30 -3.29
CA LYS A 37 -3.65 -6.39 -2.88
C LYS A 37 -4.88 -7.25 -2.55
N PRO A 38 -5.02 -7.74 -1.30
CA PRO A 38 -5.99 -8.76 -0.99
C PRO A 38 -7.39 -8.24 -1.24
N VAL A 39 -7.70 -6.96 -0.92
CA VAL A 39 -9.03 -6.42 -1.05
C VAL A 39 -8.96 -5.17 -1.92
N ALA A 40 -9.88 -5.09 -2.89
CA ALA A 40 -9.95 -3.93 -3.75
C ALA A 40 -11.38 -3.57 -4.12
N SER A 41 -11.77 -2.29 -4.05
CA SER A 41 -13.08 -1.91 -4.52
C SER A 41 -12.85 -0.82 -5.57
N GLY A 42 -13.76 -0.67 -6.52
CA GLY A 42 -13.55 0.30 -7.58
C GLY A 42 -12.82 -0.43 -8.71
N SER A 43 -13.66 -1.09 -9.50
CA SER A 43 -13.17 -1.98 -10.55
C SER A 43 -13.91 -1.97 -11.88
N GLU A 44 -13.19 -2.23 -12.96
CA GLU A 44 -13.73 -2.32 -14.29
C GLU A 44 -14.18 -3.73 -14.69
N LYS A 45 -15.17 -3.80 -15.58
CA LYS A 45 -15.68 -5.03 -16.15
C LYS A 45 -14.77 -5.38 -17.34
N THR A 46 -14.33 -6.62 -17.47
CA THR A 46 -13.56 -7.06 -18.64
C THR A 46 -14.16 -8.45 -19.02
N PRO A 47 -13.83 -9.11 -20.17
CA PRO A 47 -14.25 -10.48 -20.45
C PRO A 47 -13.84 -11.49 -19.38
N GLU A 48 -12.83 -11.20 -18.58
CA GLU A 48 -12.37 -12.17 -17.63
C GLU A 48 -12.93 -11.96 -16.21
N GLY A 49 -13.70 -10.91 -16.01
CA GLY A 49 -14.20 -10.51 -14.69
C GLY A 49 -13.73 -9.08 -14.35
N LEU A 50 -14.03 -8.68 -13.12
CA LEU A 50 -13.71 -7.38 -12.56
C LEU A 50 -12.21 -7.29 -12.35
N ARG A 51 -11.65 -6.16 -12.77
CA ARG A 51 -10.24 -5.90 -12.62
C ARG A 51 -10.07 -4.50 -12.04
N ASN A 52 -9.24 -4.41 -11.01
CA ASN A 52 -9.00 -3.16 -10.30
C ASN A 52 -7.70 -2.57 -10.83
N SER A 53 -7.58 -1.29 -11.11
CA SER A 53 -6.39 -0.67 -11.68
C SER A 53 -5.17 -0.68 -10.77
N ASP A 54 -5.35 -0.53 -9.45
CA ASP A 54 -4.21 -0.59 -8.54
C ASP A 54 -3.60 -1.97 -8.47
N ALA A 55 -4.46 -3.00 -8.42
CA ALA A 55 -3.99 -4.40 -8.42
C ALA A 55 -3.29 -4.69 -9.75
N LEU A 56 -3.83 -4.22 -10.90
CA LEU A 56 -3.18 -4.36 -12.21
C LEU A 56 -1.80 -3.68 -12.20
N ALA A 57 -1.66 -2.54 -11.51
CA ALA A 57 -0.38 -1.88 -11.42
C ALA A 57 0.63 -2.72 -10.62
N LEU A 58 0.19 -3.40 -9.56
CA LEU A 58 1.02 -4.22 -8.70
C LEU A 58 1.40 -5.49 -9.44
N GLN A 59 0.45 -6.02 -10.22
CA GLN A 59 0.67 -7.21 -11.02
C GLN A 59 1.80 -6.93 -12.03
N ARG A 60 1.76 -5.84 -12.80
CA ARG A 60 2.84 -5.67 -13.76
C ARG A 60 4.10 -4.97 -13.28
N ASN A 61 4.15 -4.57 -12.00
CA ASN A 61 5.40 -4.11 -11.43
C ASN A 61 6.09 -5.22 -10.62
N SER A 62 5.45 -6.39 -10.47
CA SER A 62 6.02 -7.59 -9.85
C SER A 62 7.07 -8.23 -10.78
N SER A 63 8.17 -8.81 -10.31
CA SER A 63 9.14 -9.32 -11.25
C SER A 63 8.66 -10.68 -11.71
N LEU A 64 7.92 -11.42 -10.88
CA LEU A 64 7.33 -12.69 -11.26
C LEU A 64 6.10 -12.47 -12.14
N GLN A 65 5.76 -13.48 -12.90
CA GLN A 65 4.60 -13.41 -13.76
C GLN A 65 3.52 -14.00 -12.88
N LEU A 66 2.51 -13.22 -12.51
CA LEU A 66 1.48 -13.69 -11.61
C LEU A 66 0.09 -13.58 -12.20
N ASP A 67 -0.82 -14.49 -11.86
CA ASP A 67 -2.22 -14.41 -12.25
C ASP A 67 -2.90 -13.34 -11.42
N TYR A 68 -3.93 -12.74 -12.00
CA TYR A 68 -4.58 -11.64 -11.36
C TYR A 68 -5.18 -12.05 -10.03
N ALA A 69 -5.88 -13.19 -9.97
CA ALA A 69 -6.54 -13.59 -8.74
C ALA A 69 -5.57 -13.86 -7.60
N THR A 70 -4.32 -14.14 -7.96
CA THR A 70 -3.28 -14.35 -6.98
C THR A 70 -2.92 -13.01 -6.34
N VAL A 71 -2.87 -11.98 -7.16
CA VAL A 71 -2.55 -10.65 -6.70
C VAL A 71 -3.76 -10.08 -5.97
N ASN A 72 -4.97 -10.30 -6.44
CA ASN A 72 -6.13 -9.67 -5.82
C ASN A 72 -7.33 -10.61 -5.70
N PRO A 73 -7.41 -11.43 -4.66
CA PRO A 73 -8.49 -12.37 -4.48
C PRO A 73 -9.84 -11.71 -4.31
N TYR A 74 -10.03 -10.55 -3.68
CA TYR A 74 -11.35 -9.96 -3.47
C TYR A 74 -11.49 -8.70 -4.29
N THR A 75 -12.36 -8.68 -5.29
CA THR A 75 -12.52 -7.54 -6.18
C THR A 75 -13.97 -7.12 -6.16
N PHE A 76 -14.24 -5.84 -5.90
CA PHE A 76 -15.63 -5.37 -5.92
C PHE A 76 -15.69 -4.15 -6.85
N ALA A 77 -16.82 -4.02 -7.56
CA ALA A 77 -16.95 -2.98 -8.58
C ALA A 77 -17.10 -1.57 -7.99
N GLU A 78 -17.95 -1.39 -6.98
CA GLU A 78 -18.21 -0.10 -6.43
C GLU A 78 -17.09 0.41 -5.53
N PRO A 79 -16.60 1.61 -5.75
CA PRO A 79 -15.57 2.27 -4.96
C PRO A 79 -15.97 2.74 -3.53
N THR A 80 -16.44 1.89 -2.66
CA THR A 80 -16.81 2.30 -1.31
C THR A 80 -16.01 1.48 -0.30
N SER A 81 -16.29 1.62 1.00
CA SER A 81 -15.66 0.77 1.99
C SER A 81 -15.99 -0.73 1.74
N PRO A 82 -14.97 -1.61 1.77
CA PRO A 82 -15.08 -3.05 1.59
C PRO A 82 -16.20 -3.66 2.42
N HIS A 83 -16.42 -3.26 3.70
CA HIS A 83 -17.44 -3.96 4.50
C HIS A 83 -18.85 -3.69 4.00
N ILE A 84 -19.09 -2.56 3.30
CA ILE A 84 -20.40 -2.21 2.81
C ILE A 84 -20.73 -3.06 1.58
N ILE A 85 -19.86 -2.97 0.57
CA ILE A 85 -20.11 -3.73 -0.63
C ILE A 85 -20.00 -5.27 -0.42
N SER A 86 -19.10 -5.78 0.41
CA SER A 86 -19.07 -7.16 0.80
C SER A 86 -20.43 -7.64 1.36
N ALA A 87 -21.05 -6.84 2.26
CA ALA A 87 -22.33 -7.17 2.85
C ALA A 87 -23.41 -7.09 1.76
N GLN A 88 -23.35 -6.12 0.85
CA GLN A 88 -24.34 -5.94 -0.20
C GLN A 88 -24.39 -7.14 -1.14
N GLU A 89 -23.20 -7.60 -1.50
CA GLU A 89 -23.02 -8.67 -2.45
C GLU A 89 -23.13 -10.08 -1.89
N GLY A 90 -23.12 -10.23 -0.57
CA GLY A 90 -23.14 -11.55 0.06
C GLY A 90 -21.81 -12.27 -0.15
N ARG A 91 -20.68 -11.57 -0.11
CA ARG A 91 -19.37 -12.19 -0.28
C ARG A 91 -18.46 -11.73 0.88
N PRO A 92 -18.47 -12.47 2.02
CA PRO A 92 -17.63 -12.23 3.21
C PRO A 92 -16.15 -12.13 2.87
N ILE A 93 -15.43 -11.21 3.47
CA ILE A 93 -14.00 -11.15 3.30
C ILE A 93 -13.44 -11.94 4.47
N GLU A 94 -12.86 -13.08 4.14
CA GLU A 94 -12.33 -14.00 5.11
C GLU A 94 -10.84 -13.81 5.39
N SER A 95 -10.49 -13.71 6.66
CA SER A 95 -9.12 -13.58 7.11
C SER A 95 -8.27 -14.74 6.65
N LEU A 96 -8.82 -15.97 6.68
CA LEU A 96 -8.12 -17.17 6.27
C LEU A 96 -7.75 -17.12 4.80
N VAL A 97 -8.63 -16.59 3.96
CA VAL A 97 -8.35 -16.48 2.53
C VAL A 97 -7.25 -15.43 2.28
N MET A 98 -7.34 -14.27 2.96
CA MET A 98 -6.33 -13.21 2.85
C MET A 98 -4.96 -13.74 3.28
N SER A 99 -4.86 -14.48 4.40
CA SER A 99 -3.63 -15.09 4.85
C SER A 99 -3.18 -16.23 3.92
N ALA A 100 -4.07 -17.10 3.38
CA ALA A 100 -3.66 -18.19 2.47
C ALA A 100 -3.05 -17.56 1.22
N GLY A 101 -3.57 -16.44 0.71
CA GLY A 101 -3.05 -15.78 -0.47
C GLY A 101 -1.63 -15.26 -0.27
N LEU A 102 -1.36 -14.67 0.91
CA LEU A 102 -0.04 -14.20 1.23
C LEU A 102 0.92 -15.40 1.31
N ARG A 103 0.53 -16.55 1.90
CA ARG A 103 1.42 -17.74 1.96
C ARG A 103 1.70 -18.24 0.55
N ALA A 104 0.71 -18.24 -0.35
CA ALA A 104 0.83 -18.70 -1.72
C ALA A 104 1.91 -17.90 -2.46
N LEU A 105 1.92 -16.58 -2.26
CA LEU A 105 2.92 -15.72 -2.86
C LEU A 105 4.25 -16.03 -2.21
N GLU A 106 4.33 -16.28 -0.90
CA GLU A 106 5.58 -16.61 -0.24
C GLU A 106 6.25 -17.90 -0.74
N GLN A 107 5.58 -18.74 -1.55
CA GLN A 107 6.17 -19.95 -2.12
C GLN A 107 7.04 -19.61 -3.33
N GLN A 108 6.88 -18.43 -3.92
CA GLN A 108 7.60 -18.08 -5.12
C GLN A 108 8.29 -16.75 -5.02
N ALA A 109 7.89 -15.85 -4.14
CA ALA A 109 8.59 -14.58 -4.02
C ALA A 109 9.32 -14.49 -2.71
N ASP A 110 10.46 -13.81 -2.76
CA ASP A 110 11.14 -13.62 -1.52
C ASP A 110 11.03 -12.18 -1.02
N TRP A 111 10.32 -11.30 -1.72
CA TRP A 111 10.10 -9.94 -1.27
C TRP A 111 8.66 -9.67 -1.61
N VAL A 112 7.77 -9.58 -0.63
CA VAL A 112 6.34 -9.39 -0.89
C VAL A 112 5.82 -8.05 -0.31
N LEU A 113 5.11 -7.25 -1.11
CA LEU A 113 4.60 -5.97 -0.66
C LEU A 113 3.10 -6.15 -0.63
N VAL A 114 2.49 -5.90 0.52
CA VAL A 114 1.04 -6.03 0.68
C VAL A 114 0.42 -4.61 0.75
N GLU A 115 -0.54 -4.30 -0.11
CA GLU A 115 -1.10 -2.99 -0.16
C GLU A 115 -2.47 -3.09 0.46
N GLY A 116 -2.78 -2.21 1.41
CA GLY A 116 -4.11 -2.27 1.99
C GLY A 116 -5.11 -1.53 1.11
N ALA A 117 -6.35 -1.40 1.59
CA ALA A 117 -7.33 -0.61 0.85
C ALA A 117 -7.60 0.63 1.68
N GLY A 118 -7.66 1.84 1.18
CA GLY A 118 -7.97 3.03 1.99
C GLY A 118 -6.88 3.32 3.05
N GLY A 119 -7.31 3.66 4.25
CA GLY A 119 -6.38 4.07 5.29
C GLY A 119 -6.24 2.94 6.28
N TRP A 120 -5.63 3.24 7.44
CA TRP A 120 -5.36 2.21 8.44
C TRP A 120 -6.55 1.43 8.97
N PHE A 121 -7.57 2.19 9.34
CA PHE A 121 -8.74 1.60 9.93
C PHE A 121 -9.84 1.20 8.96
N THR A 122 -9.61 0.86 7.71
CA THR A 122 -10.64 0.36 6.81
C THR A 122 -11.35 -0.94 7.29
N PRO A 123 -12.65 -0.92 7.63
CA PRO A 123 -13.40 -2.10 8.05
C PRO A 123 -13.58 -3.10 6.89
N LEU A 124 -13.41 -4.37 7.21
CA LEU A 124 -13.64 -5.49 6.30
C LEU A 124 -14.94 -6.20 6.67
N SER A 125 -15.39 -6.15 7.92
CA SER A 125 -16.73 -6.62 8.29
C SER A 125 -17.17 -5.70 9.43
N ASP A 126 -18.30 -5.96 10.03
CA ASP A 126 -18.68 -5.16 11.17
C ASP A 126 -17.86 -5.41 12.42
N THR A 127 -17.12 -6.51 12.52
CA THR A 127 -16.32 -6.78 13.69
C THR A 127 -14.84 -6.92 13.37
N PHE A 128 -14.42 -6.56 12.17
CA PHE A 128 -13.05 -6.85 11.73
C PHE A 128 -12.53 -5.78 10.78
N THR A 129 -11.38 -5.19 11.09
CA THR A 129 -10.76 -4.17 10.25
C THR A 129 -9.50 -4.71 9.64
N PHE A 130 -8.99 -3.97 8.68
CA PHE A 130 -7.74 -4.28 8.02
C PHE A 130 -6.62 -4.29 9.03
N ALA A 131 -6.60 -3.31 9.93
CA ALA A 131 -5.62 -3.26 10.98
C ALA A 131 -5.61 -4.57 11.81
N ASP A 132 -6.75 -5.24 12.02
CA ASP A 132 -6.76 -6.45 12.81
C ASP A 132 -5.98 -7.54 12.10
N TRP A 133 -6.13 -7.65 10.78
CA TRP A 133 -5.42 -8.67 9.98
C TRP A 133 -3.92 -8.39 9.98
N VAL A 134 -3.49 -7.13 9.77
CA VAL A 134 -2.10 -6.73 9.75
C VAL A 134 -1.50 -7.07 11.11
N THR A 135 -2.15 -6.77 12.23
CA THR A 135 -1.63 -7.09 13.52
C THR A 135 -1.52 -8.59 13.69
N GLN A 136 -2.47 -9.35 13.18
CA GLN A 136 -2.47 -10.80 13.23
C GLN A 136 -1.26 -11.35 12.50
N GLU A 137 -0.99 -10.83 11.31
CA GLU A 137 0.13 -11.28 10.53
C GLU A 137 1.44 -10.71 11.03
N GLN A 138 1.45 -9.74 11.95
CA GLN A 138 2.67 -9.11 12.41
C GLN A 138 3.51 -8.54 11.26
N LEU A 139 2.89 -7.89 10.29
CA LEU A 139 3.58 -7.29 9.18
C LEU A 139 4.22 -5.95 9.58
N PRO A 140 5.50 -5.66 9.27
CA PRO A 140 6.04 -4.32 9.38
C PRO A 140 5.35 -3.42 8.33
N VAL A 141 5.18 -2.15 8.72
CA VAL A 141 4.38 -1.16 8.02
C VAL A 141 5.21 -0.04 7.43
N ILE A 142 4.92 0.32 6.19
CA ILE A 142 5.52 1.45 5.53
C ILE A 142 4.39 2.48 5.39
N LEU A 143 4.60 3.71 5.82
CA LEU A 143 3.57 4.74 5.74
C LEU A 143 3.79 5.67 4.54
N VAL A 144 2.85 5.81 3.61
CA VAL A 144 3.01 6.77 2.51
C VAL A 144 2.29 8.06 2.90
N VAL A 145 3.00 9.17 2.81
CA VAL A 145 2.48 10.49 3.18
C VAL A 145 2.46 11.40 1.95
N GLY A 146 1.30 11.90 1.56
CA GLY A 146 1.23 12.92 0.52
C GLY A 146 1.70 14.23 1.13
N VAL A 147 2.64 14.98 0.58
CA VAL A 147 3.11 16.18 1.25
C VAL A 147 2.14 17.34 0.98
N LYS A 148 1.19 17.58 1.87
CA LYS A 148 0.23 18.64 1.74
C LYS A 148 -0.20 19.13 3.12
N LEU A 149 -0.88 20.28 3.22
CA LEU A 149 -1.41 20.78 4.50
C LEU A 149 -2.49 19.76 4.96
N GLY A 150 -2.40 19.40 6.23
CA GLY A 150 -3.26 18.36 6.78
C GLY A 150 -2.50 17.05 6.99
N CYS A 151 -1.44 16.80 6.22
CA CYS A 151 -0.71 15.56 6.28
C CYS A 151 0.09 15.47 7.55
N ILE A 152 0.51 16.57 8.21
CA ILE A 152 1.30 16.44 9.43
C ILE A 152 0.44 15.76 10.49
N ASN A 153 -0.80 16.26 10.60
CA ASN A 153 -1.73 15.70 11.55
C ASN A 153 -2.00 14.22 11.20
N HIS A 154 -2.38 13.93 9.96
CA HIS A 154 -2.71 12.55 9.63
C HIS A 154 -1.51 11.60 9.75
N ALA A 155 -0.28 12.06 9.48
CA ALA A 155 0.87 11.19 9.58
C ALA A 155 1.14 10.84 11.05
N MET A 156 0.97 11.85 11.93
CA MET A 156 1.15 11.65 13.35
C MET A 156 0.10 10.73 13.94
N LEU A 157 -1.15 10.86 13.52
CA LEU A 157 -2.21 10.03 14.01
C LEU A 157 -1.94 8.59 13.62
N THR A 158 -1.62 8.32 12.34
CA THR A 158 -1.42 6.96 11.86
C THR A 158 -0.19 6.30 12.54
N ALA A 159 0.92 7.05 12.62
CA ALA A 159 2.15 6.56 13.25
C ALA A 159 1.90 6.16 14.70
N GLN A 160 1.10 6.96 15.46
CA GLN A 160 0.85 6.66 16.85
C GLN A 160 -0.01 5.45 17.04
N VAL A 161 -1.01 5.27 16.18
CA VAL A 161 -1.91 4.14 16.28
C VAL A 161 -1.19 2.83 15.95
N ILE A 162 -0.32 2.82 14.94
CA ILE A 162 0.44 1.62 14.61
C ILE A 162 1.34 1.21 15.78
N GLN A 163 2.07 2.16 16.37
CA GLN A 163 2.94 1.90 17.50
C GLN A 163 2.18 1.44 18.72
N HIS A 164 0.99 1.98 19.00
CA HIS A 164 0.16 1.50 20.09
C HIS A 164 -0.22 0.03 19.83
N ALA A 165 -0.45 -0.43 18.61
CA ALA A 165 -0.77 -1.82 18.38
C ALA A 165 0.45 -2.75 18.49
N GLY A 166 1.64 -2.29 18.85
CA GLY A 166 2.81 -3.13 18.99
C GLY A 166 3.41 -3.51 17.64
N LEU A 167 3.12 -2.76 16.57
CA LEU A 167 3.68 -3.07 15.29
C LEU A 167 4.91 -2.23 14.99
N THR A 168 5.74 -2.69 14.08
CA THR A 168 6.91 -1.97 13.65
C THR A 168 6.53 -1.05 12.50
N LEU A 169 6.84 0.23 12.63
CA LEU A 169 6.75 1.19 11.57
C LEU A 169 8.13 1.13 10.92
N ALA A 170 8.25 0.47 9.78
CA ALA A 170 9.50 0.29 9.07
C ALA A 170 10.07 1.55 8.42
N GLY A 171 9.23 2.48 8.02
CA GLY A 171 9.72 3.65 7.33
C GLY A 171 8.54 4.38 6.71
N TRP A 172 8.82 5.53 6.13
CA TRP A 172 7.77 6.28 5.43
C TRP A 172 8.28 6.80 4.08
N VAL A 173 7.36 7.07 3.18
CA VAL A 173 7.72 7.56 1.88
C VAL A 173 6.98 8.89 1.68
N ALA A 174 7.66 9.97 1.24
CA ALA A 174 7.01 11.22 0.92
C ALA A 174 6.63 11.21 -0.57
N ASN A 175 5.37 11.50 -0.86
CA ASN A 175 4.89 11.53 -2.19
C ASN A 175 4.39 12.93 -2.58
N ASP A 176 4.94 13.58 -3.59
CA ASP A 176 4.53 14.91 -3.97
C ASP A 176 3.36 14.84 -4.92
N VAL A 177 2.20 14.91 -4.29
CA VAL A 177 0.95 14.88 -5.04
C VAL A 177 0.61 16.20 -5.74
N THR A 178 1.19 17.33 -5.36
CA THR A 178 0.94 18.55 -6.11
C THR A 178 2.26 19.13 -6.63
N PRO A 179 2.26 20.09 -7.56
CA PRO A 179 3.41 20.89 -7.93
C PRO A 179 4.12 21.55 -6.74
N PRO A 180 5.42 21.89 -6.87
CA PRO A 180 6.15 22.75 -5.96
C PRO A 180 5.31 23.90 -5.38
N GLY A 181 5.23 23.91 -4.06
CA GLY A 181 4.50 24.94 -3.33
C GLY A 181 5.41 25.68 -2.34
N LYS A 182 4.89 26.78 -1.76
CA LYS A 182 5.69 27.60 -0.89
C LYS A 182 6.27 26.91 0.36
N ARG A 183 5.62 26.04 1.13
CA ARG A 183 6.31 25.57 2.34
C ARG A 183 6.74 24.10 2.29
N HIS A 184 7.18 23.65 1.11
CA HIS A 184 7.54 22.26 0.92
C HIS A 184 8.69 21.81 1.83
N ALA A 185 9.77 22.55 1.95
CA ALA A 185 10.91 22.19 2.77
C ALA A 185 10.58 22.13 4.26
N GLU A 186 9.74 23.07 4.76
CA GLU A 186 9.40 23.09 6.17
C GLU A 186 8.46 21.94 6.48
N TYR A 187 7.59 21.54 5.54
CA TYR A 187 6.71 20.39 5.73
C TYR A 187 7.58 19.14 5.78
N MET A 188 8.55 18.98 4.86
CA MET A 188 9.45 17.83 4.88
C MET A 188 10.26 17.80 6.18
N THR A 189 10.79 18.92 6.71
CA THR A 189 11.55 18.88 7.94
C THR A 189 10.68 18.49 9.15
N THR A 190 9.45 19.02 9.23
CA THR A 190 8.56 18.69 10.33
C THR A 190 8.22 17.20 10.31
N LEU A 191 7.85 16.68 9.12
CA LEU A 191 7.50 15.28 8.95
C LEU A 191 8.68 14.37 9.32
N THR A 192 9.89 14.71 8.92
CA THR A 192 11.06 13.94 9.28
C THR A 192 11.30 13.93 10.81
N ARG A 193 11.16 15.04 11.57
CA ARG A 193 11.40 14.89 12.97
C ARG A 193 10.22 14.23 13.66
N MET A 194 9.00 14.30 13.14
CA MET A 194 7.90 13.72 13.88
C MET A 194 7.56 12.27 13.60
N ILE A 195 7.93 11.69 12.46
CA ILE A 195 7.60 10.31 12.19
C ILE A 195 8.74 9.46 12.75
N PRO A 196 8.53 8.53 13.69
CA PRO A 196 9.61 7.80 14.34
C PRO A 196 10.05 6.62 13.46
N ALA A 197 10.54 6.85 12.26
CA ALA A 197 10.97 5.79 11.38
C ALA A 197 11.72 6.47 10.25
N PRO A 198 12.65 5.84 9.52
CA PRO A 198 13.38 6.49 8.45
C PRO A 198 12.55 6.87 7.22
N LEU A 199 12.86 8.01 6.64
CA LEU A 199 12.29 8.43 5.37
C LEU A 199 13.02 7.61 4.31
N LEU A 200 12.28 6.80 3.57
CA LEU A 200 12.85 5.93 2.54
C LEU A 200 13.10 6.67 1.22
N GLY A 201 12.45 7.80 0.92
CA GLY A 201 12.66 8.53 -0.31
C GLY A 201 11.46 9.41 -0.57
N GLU A 202 11.61 10.28 -1.55
CA GLU A 202 10.58 11.21 -1.91
C GLU A 202 10.31 11.07 -3.40
N ILE A 203 9.06 10.87 -3.81
CA ILE A 203 8.70 10.76 -5.20
C ILE A 203 8.22 12.15 -5.64
N PRO A 204 8.80 12.74 -6.68
CA PRO A 204 8.38 14.04 -7.21
C PRO A 204 7.01 14.02 -7.88
N TRP A 205 6.49 15.23 -8.14
CA TRP A 205 5.22 15.39 -8.82
C TRP A 205 5.42 14.91 -10.26
N LEU A 206 4.73 13.91 -10.74
CA LEU A 206 4.92 13.41 -12.10
C LEU A 206 3.55 13.39 -12.78
N ALA A 207 3.38 14.40 -13.62
CA ALA A 207 2.14 14.67 -14.34
C ALA A 207 1.47 13.56 -15.22
N GLU A 208 2.27 12.66 -15.83
CA GLU A 208 1.76 11.62 -16.72
C GLU A 208 1.97 10.31 -16.05
N ASN A 209 0.89 9.56 -16.05
CA ASN A 209 0.81 8.16 -15.61
C ASN A 209 1.86 7.60 -14.62
N PRO A 210 2.06 8.21 -13.41
CA PRO A 210 3.21 7.97 -12.54
C PRO A 210 3.37 6.50 -12.11
N GLU A 211 2.34 5.66 -12.29
CA GLU A 211 2.37 4.22 -12.00
C GLU A 211 3.29 3.47 -12.99
N ASN A 212 3.41 3.99 -14.21
CA ASN A 212 4.23 3.35 -15.24
C ASN A 212 5.60 4.05 -15.35
N ALA A 213 5.78 5.16 -14.58
CA ALA A 213 7.03 5.93 -14.53
C ALA A 213 8.15 5.11 -13.90
N ALA A 214 9.43 5.33 -14.23
CA ALA A 214 10.49 4.54 -13.60
C ALA A 214 10.81 5.29 -12.32
N THR A 215 10.27 4.87 -11.19
CA THR A 215 10.41 5.62 -9.95
C THR A 215 11.22 4.90 -8.89
N GLY A 216 11.71 3.66 -9.17
CA GLY A 216 12.52 2.91 -8.21
C GLY A 216 13.72 3.72 -7.69
N LYS A 217 14.32 4.61 -8.50
CA LYS A 217 15.51 5.37 -8.11
C LYS A 217 15.22 6.31 -6.94
N TYR A 218 13.97 6.67 -6.66
CA TYR A 218 13.70 7.60 -5.56
C TYR A 218 13.69 6.91 -4.21
N ILE A 219 13.74 5.57 -4.17
CA ILE A 219 13.66 4.79 -2.94
C ILE A 219 15.00 4.23 -2.50
N ASN A 220 15.42 4.43 -1.25
CA ASN A 220 16.62 3.86 -0.75
C ASN A 220 16.25 2.61 0.05
N LEU A 221 16.21 1.46 -0.63
CA LEU A 221 15.88 0.17 -0.01
C LEU A 221 16.84 -0.26 1.13
N ALA A 222 18.02 0.33 1.23
CA ALA A 222 18.96 0.01 2.30
C ALA A 222 18.49 0.48 3.66
N LEU A 223 17.43 1.27 3.75
CA LEU A 223 17.00 1.71 5.07
C LEU A 223 15.88 0.82 5.62
N LEU A 224 15.42 -0.09 4.78
CA LEU A 224 14.42 -1.04 5.19
C LEU A 224 15.12 -2.26 5.77
#